data_6PZ4
#
_entry.id   6PZ4
#
_cell.length_a   102.186
_cell.length_b   102.186
_cell.length_c   171.466
_cell.angle_alpha   90.000
_cell.angle_beta   90.000
_cell.angle_gamma   120.000
#
_symmetry.space_group_name_H-M   'P 61 2 2'
#
loop_
_entity.id
_entity.type
_entity.pdbx_description
1 polymer 'Beta-secretase 1'
2 non-polymer 'IODIDE ION'
3 non-polymer GLYCEROL
4 non-polymer N-{3-[(1S,5S,6S)-3-amino-1-(methoxymethyl)-5-methyl-2-thia-4-azabicyclo[4.1.0]hept-3-en-5-yl]-4,5-difluorophenyl}-5-[(prop-2-yn-1-yl)oxy]pyrazine-2-carboxamide
5 water water
#
_entity_poly.entity_id   1
_entity_poly.type   'polypeptide(L)'
_entity_poly.pdbx_seq_one_letter_code
;LPRETDEEPEEPGRRGSFVEMVDNLRGKSGQGYYVEMTVGSPPQTLNILVDTGSSNFAVGAAPHPFLHRYYQRQLSSTYR
DLRKGVYVPYTQGKWEGELGTDLVSIPHGPNVTVRANIAAITESDKFFINGSNWEGILGLAYAEIARPDDSLEPFFDSLV
KQTHVPNLFSLQLCGAGFPLNQSEVLASVGGSMIIGGIDHSLYTGSLWYTPIRREWYYEVIIVRVEINGQDLKMDCKEYN
YDKSIVDSGTTNLRLPKKVFEAAVKSIKAASSTEKFPDGFWLGEQLVCWQAGTTPWNIFPVISLYLMGEVTNQSFRITIL
PQQYLRPVEDVATSQDDCYKFAISQSSTGTVMGAVIMEGFYVVFDRARKRIGFAVSACHVHDEFRTAAVEGPFVTLDMED
CGYNIPQTDES
;
_entity_poly.pdbx_strand_id   A
#
loop_
_chem_comp.id
_chem_comp.type
_chem_comp.name
_chem_comp.formula
GOL non-polymer GLYCEROL 'C3 H8 O3'
IOD non-polymer 'IODIDE ION' 'I -1'
P6J non-polymer N-{3-[(1S,5S,6S)-3-amino-1-(methoxymethyl)-5-methyl-2-thia-4-azabicyclo[4.1.0]hept-3-en-5-yl]-4,5-difluorophenyl}-5-[(prop-2-yn-1-yl)oxy]pyrazine-2-carboxamide 'C22 H21 F2 N5 O3 S'
#
# COMPACT_ATOMS: atom_id res chain seq x y z
N PHE A 18 5.76 -5.50 -21.16
CA PHE A 18 5.47 -4.26 -20.37
C PHE A 18 6.76 -3.60 -19.89
N VAL A 19 7.81 -3.71 -20.70
CA VAL A 19 9.15 -3.26 -20.32
C VAL A 19 9.23 -1.74 -20.15
N GLU A 20 8.34 -1.02 -20.84
CA GLU A 20 8.28 0.42 -20.73
C GLU A 20 7.87 0.88 -19.32
N MET A 21 7.19 0.01 -18.56
CA MET A 21 6.65 0.37 -17.25
C MET A 21 7.53 -0.08 -16.08
N VAL A 22 8.50 -0.94 -16.33
CA VAL A 22 9.39 -1.37 -15.26
C VAL A 22 10.15 -0.17 -14.71
N ASP A 23 10.23 -0.10 -13.38
CA ASP A 23 10.98 0.93 -12.69
C ASP A 23 10.32 2.32 -12.86
N ASN A 24 9.00 2.34 -13.03
CA ASN A 24 8.26 3.61 -13.17
C ASN A 24 7.83 4.24 -11.82
N LEU A 25 8.19 3.59 -10.72
CA LEU A 25 7.92 4.14 -9.40
C LEU A 25 9.17 4.63 -8.70
N ARG A 26 9.00 5.73 -7.98
CA ARG A 26 10.05 6.34 -7.19
C ARG A 26 9.49 6.75 -5.84
N GLY A 27 10.39 7.07 -4.92
CA GLY A 27 10.00 7.56 -3.61
C GLY A 27 11.17 7.67 -2.65
N LYS A 28 10.88 8.11 -1.44
CA LYS A 28 11.83 8.07 -0.35
C LYS A 28 11.20 7.27 0.78
N SER A 29 12.04 6.66 1.62
CA SER A 29 11.56 5.86 2.74
C SER A 29 10.54 6.60 3.58
N GLY A 30 9.40 5.95 3.80
CA GLY A 30 8.37 6.52 4.64
C GLY A 30 7.55 7.61 3.99
N GLN A 31 7.82 7.96 2.73
CA GLN A 31 7.07 9.03 2.04
C GLN A 31 6.23 8.55 0.86
N GLY A 32 6.16 7.24 0.67
CA GLY A 32 5.30 6.64 -0.35
C GLY A 32 5.97 6.39 -1.69
N TYR A 33 5.24 5.72 -2.58
CA TYR A 33 5.70 5.40 -3.92
C TYR A 33 4.85 6.20 -4.90
N TYR A 34 5.52 6.94 -5.78
CA TYR A 34 4.83 7.78 -6.75
C TYR A 34 5.18 7.44 -8.19
N VAL A 35 4.24 7.76 -9.08
CA VAL A 35 4.36 7.52 -10.50
C VAL A 35 4.23 8.89 -11.18
N GLU A 36 4.93 9.09 -12.28
CA GLU A 36 4.74 10.31 -13.06
C GLU A 36 3.44 10.26 -13.89
N MET A 37 2.69 11.36 -13.87
CA MET A 37 1.48 11.48 -14.67
C MET A 37 1.46 12.84 -15.35
N THR A 38 0.66 12.96 -16.40
CA THR A 38 0.39 14.28 -16.96
C THR A 38 -1.08 14.56 -16.88
N VAL A 39 -1.41 15.85 -16.69
CA VAL A 39 -2.79 16.29 -16.69
C VAL A 39 -2.93 17.53 -17.57
N GLY A 40 -4.03 17.60 -18.31
CA GLY A 40 -4.33 18.79 -19.11
C GLY A 40 -3.72 18.78 -20.50
N SER A 41 -4.05 19.84 -21.25
CA SER A 41 -3.52 20.07 -22.59
C SER A 41 -3.10 21.54 -22.68
N PRO A 42 -1.80 21.83 -22.93
CA PRO A 42 -0.72 20.85 -23.07
C PRO A 42 -0.44 20.12 -21.75
N PRO A 43 0.26 18.98 -21.82
CA PRO A 43 0.42 18.18 -20.60
C PRO A 43 1.24 18.85 -19.50
N GLN A 44 0.69 18.86 -18.28
CA GLN A 44 1.41 19.28 -17.08
C GLN A 44 1.86 18.04 -16.31
N THR A 45 3.16 17.87 -16.17
CA THR A 45 3.72 16.70 -15.50
C THR A 45 3.63 16.86 -13.99
N LEU A 46 3.19 15.80 -13.31
CA LEU A 46 3.11 15.78 -11.85
C LEU A 46 3.50 14.40 -11.34
N ASN A 47 4.06 14.37 -10.13
CA ASN A 47 4.35 13.12 -9.40
C ASN A 47 3.21 12.79 -8.45
N ILE A 48 2.68 11.57 -8.58
CA ILE A 48 1.44 11.18 -7.92
C ILE A 48 1.61 9.89 -7.12
N LEU A 49 1.29 9.98 -5.83
CA LEU A 49 1.33 8.84 -4.93
C LEU A 49 0.38 7.74 -5.36
N VAL A 50 0.90 6.51 -5.46
CA VAL A 50 0.11 5.35 -5.83
C VAL A 50 -0.57 4.78 -4.59
N ASP A 51 -1.90 4.82 -4.55
CA ASP A 51 -2.64 4.52 -3.32
C ASP A 51 -3.78 3.53 -3.57
N THR A 52 -3.56 2.26 -3.23
CA THR A 52 -4.63 1.26 -3.33
C THR A 52 -5.66 1.34 -2.19
N GLY A 53 -5.45 2.26 -1.24
CA GLY A 53 -6.36 2.44 -0.10
C GLY A 53 -7.35 3.57 -0.18
N SER A 54 -7.43 4.23 -1.33
CA SER A 54 -8.43 5.26 -1.59
C SER A 54 -8.81 5.28 -3.08
N SER A 55 -9.77 6.12 -3.46
CA SER A 55 -10.39 6.03 -4.80
C SER A 55 -10.56 7.36 -5.52
N ASN A 56 -9.97 8.44 -4.98
CA ASN A 56 -9.96 9.75 -5.63
C ASN A 56 -8.62 10.05 -6.29
N PHE A 57 -8.67 10.65 -7.47
CA PHE A 57 -7.50 11.24 -8.09
C PHE A 57 -7.53 12.71 -7.67
N ALA A 58 -6.60 13.10 -6.82
CA ALA A 58 -6.59 14.42 -6.23
C ALA A 58 -5.19 15.01 -6.35
N VAL A 59 -5.09 16.24 -6.87
CA VAL A 59 -3.80 16.90 -7.11
C VAL A 59 -3.78 18.32 -6.57
N GLY A 60 -2.64 18.70 -5.98
CA GLY A 60 -2.40 20.08 -5.59
C GLY A 60 -2.68 21.02 -6.75
N ALA A 61 -3.49 22.04 -6.51
CA ALA A 61 -3.84 23.00 -7.54
C ALA A 61 -3.49 24.45 -7.15
N ALA A 62 -2.74 24.61 -6.06
CA ALA A 62 -2.38 25.92 -5.51
C ALA A 62 -0.98 25.85 -4.93
N PRO A 63 -0.28 27.00 -4.84
CA PRO A 63 1.14 27.03 -4.46
C PRO A 63 1.39 26.83 -2.96
N HIS A 64 1.02 25.67 -2.44
CA HIS A 64 1.39 25.30 -1.09
C HIS A 64 2.90 25.23 -1.06
N PRO A 65 3.54 25.75 0.02
CA PRO A 65 5.01 25.82 0.05
C PRO A 65 5.77 24.48 -0.05
N PHE A 66 5.14 23.37 0.35
CA PHE A 66 5.75 22.04 0.26
C PHE A 66 5.80 21.49 -1.17
N LEU A 67 5.01 22.04 -2.10
CA LEU A 67 4.85 21.47 -3.43
C LEU A 67 5.89 21.93 -4.46
N HIS A 68 6.47 20.97 -5.18
CA HIS A 68 7.35 21.28 -6.31
C HIS A 68 6.61 21.89 -7.43
N ARG A 69 5.34 21.53 -7.56
CA ARG A 69 4.53 21.98 -8.64
C ARG A 69 3.08 21.65 -8.36
N TYR A 70 2.20 22.15 -9.20
CA TYR A 70 0.79 21.98 -8.98
C TYR A 70 0.03 22.17 -10.28
N TYR A 71 -1.18 21.64 -10.31
CA TYR A 71 -2.05 21.64 -11.48
C TYR A 71 -2.56 23.06 -11.67
N GLN A 72 -2.37 23.61 -12.86
CA GLN A 72 -2.79 24.98 -13.19
C GLN A 72 -3.89 24.89 -14.22
N ARG A 73 -5.13 24.83 -13.73
CA ARG A 73 -6.30 24.60 -14.59
C ARG A 73 -6.44 25.67 -15.68
N GLN A 74 -5.97 26.89 -15.38
CA GLN A 74 -6.02 28.01 -16.35
C GLN A 74 -5.21 27.78 -17.62
N LEU A 75 -4.22 26.87 -17.57
CA LEU A 75 -3.39 26.56 -18.74
C LEU A 75 -3.92 25.40 -19.59
N SER A 76 -4.99 24.75 -19.16
CA SER A 76 -5.51 23.56 -19.84
C SER A 76 -6.78 23.85 -20.65
N SER A 77 -6.69 23.65 -21.97
CA SER A 77 -7.84 23.85 -22.85
C SER A 77 -8.88 22.76 -22.68
N THR A 78 -8.45 21.59 -22.20
CA THR A 78 -9.35 20.45 -22.05
C THR A 78 -9.98 20.35 -20.65
N TYR A 79 -9.66 21.29 -19.78
CA TYR A 79 -10.25 21.33 -18.46
C TYR A 79 -11.75 21.58 -18.51
N ARG A 80 -12.52 20.78 -17.78
CA ARG A 80 -13.96 21.03 -17.59
C ARG A 80 -14.34 21.02 -16.11
N ASP A 81 -15.04 22.07 -15.69
CA ASP A 81 -15.41 22.27 -14.30
C ASP A 81 -16.71 21.51 -14.00
N LEU A 82 -16.70 20.75 -12.91
CA LEU A 82 -17.91 20.05 -12.48
C LEU A 82 -18.75 20.90 -11.53
N ARG A 83 -18.24 22.08 -11.16
CA ARG A 83 -18.96 23.02 -10.28
C ARG A 83 -19.43 22.39 -8.98
N LYS A 84 -18.53 21.66 -8.34
CA LYS A 84 -18.84 20.96 -7.11
C LYS A 84 -17.53 20.78 -6.37
N GLY A 85 -17.58 20.98 -5.06
CA GLY A 85 -16.43 20.79 -4.20
C GLY A 85 -16.48 19.46 -3.48
N VAL A 86 -15.40 19.13 -2.80
CA VAL A 86 -15.30 17.89 -2.04
C VAL A 86 -14.40 18.17 -0.84
N TYR A 87 -14.85 17.76 0.35
CA TYR A 87 -14.08 17.91 1.59
C TYR A 87 -13.76 16.52 2.05
N VAL A 88 -12.48 16.27 2.33
CA VAL A 88 -12.00 14.93 2.62
C VAL A 88 -11.16 14.92 3.88
N PRO A 89 -11.79 14.65 5.04
CA PRO A 89 -10.98 14.51 6.25
C PRO A 89 -10.48 13.08 6.44
N TYR A 90 -9.24 12.93 6.87
CA TYR A 90 -8.72 11.63 7.31
C TYR A 90 -8.66 11.66 8.83
N THR A 91 -8.07 10.66 9.48
CA THR A 91 -8.01 10.65 10.94
C THR A 91 -7.13 11.77 11.50
N GLN A 92 -6.05 12.11 10.81
CA GLN A 92 -5.17 13.19 11.27
C GLN A 92 -4.94 14.32 10.24
N GLY A 93 -5.18 14.07 8.95
CA GLY A 93 -5.05 15.12 7.92
C GLY A 93 -6.36 15.41 7.20
N LYS A 94 -6.34 16.35 6.25
CA LYS A 94 -7.50 16.64 5.43
C LYS A 94 -7.13 17.44 4.20
N TRP A 95 -7.95 17.33 3.16
CA TRP A 95 -7.89 18.26 2.05
C TRP A 95 -9.26 18.60 1.54
N GLU A 96 -9.33 19.71 0.83
CA GLU A 96 -10.56 20.16 0.20
C GLU A 96 -10.22 20.51 -1.23
N GLY A 97 -11.13 20.22 -2.14
CA GLY A 97 -10.88 20.43 -3.54
C GLY A 97 -12.08 20.81 -4.38
N GLU A 98 -11.78 21.15 -5.63
CA GLU A 98 -12.74 21.52 -6.61
C GLU A 98 -12.70 20.48 -7.70
N LEU A 99 -13.85 19.88 -7.97
CA LEU A 99 -13.95 18.78 -8.93
C LEU A 99 -14.05 19.25 -10.36
N GLY A 100 -13.38 18.53 -11.24
CA GLY A 100 -13.49 18.75 -12.68
C GLY A 100 -13.03 17.50 -13.39
N THR A 101 -12.93 17.60 -14.72
CA THR A 101 -12.33 16.57 -15.53
C THR A 101 -11.28 17.15 -16.47
N ASP A 102 -10.37 16.30 -16.91
CA ASP A 102 -9.34 16.70 -17.83
C ASP A 102 -8.71 15.46 -18.41
N LEU A 103 -7.86 15.66 -19.40
CA LEU A 103 -7.16 14.55 -20.04
C LEU A 103 -5.95 14.15 -19.22
N VAL A 104 -5.80 12.85 -18.99
CA VAL A 104 -4.76 12.34 -18.11
C VAL A 104 -3.99 11.21 -18.80
N SER A 105 -2.67 11.22 -18.66
CA SER A 105 -1.85 10.13 -19.16
C SER A 105 -0.80 9.72 -18.15
N ILE A 106 -0.22 8.55 -18.41
CA ILE A 106 0.87 8.03 -17.60
C ILE A 106 2.04 7.78 -18.57
N PRO A 107 3.01 8.71 -18.60
CA PRO A 107 4.13 8.61 -19.54
C PRO A 107 4.83 7.25 -19.56
N HIS A 108 5.08 6.67 -18.40
CA HIS A 108 5.69 5.32 -18.34
C HIS A 108 4.65 4.29 -18.02
N GLY A 109 3.56 4.36 -18.77
CA GLY A 109 2.43 3.45 -18.66
C GLY A 109 1.94 3.18 -20.06
N PRO A 110 0.66 2.81 -20.20
CA PRO A 110 0.14 2.53 -21.53
C PRO A 110 0.07 3.79 -22.39
N ASN A 111 0.17 3.60 -23.70
CA ASN A 111 0.17 4.72 -24.65
C ASN A 111 -1.26 5.14 -24.92
N VAL A 112 -1.89 5.73 -23.91
CA VAL A 112 -3.29 6.14 -23.98
C VAL A 112 -3.51 7.39 -23.14
N THR A 113 -4.59 8.08 -23.45
CA THR A 113 -4.96 9.31 -22.75
C THR A 113 -6.44 9.24 -22.50
N VAL A 114 -6.87 9.52 -21.27
CA VAL A 114 -8.28 9.43 -20.93
C VAL A 114 -8.78 10.66 -20.20
N ARG A 115 -10.10 10.88 -20.26
CA ARG A 115 -10.76 11.93 -19.50
C ARG A 115 -11.14 11.38 -18.15
N ALA A 116 -10.53 11.94 -17.11
CA ALA A 116 -10.70 11.44 -15.76
C ALA A 116 -11.18 12.56 -14.85
N ASN A 117 -11.88 12.18 -13.79
CA ASN A 117 -12.15 13.09 -12.71
C ASN A 117 -10.88 13.47 -11.99
N ILE A 118 -10.78 14.76 -11.64
CA ILE A 118 -9.64 15.27 -10.92
C ILE A 118 -10.17 16.22 -9.85
N ALA A 119 -9.75 15.98 -8.61
CA ALA A 119 -10.03 16.90 -7.52
C ALA A 119 -8.83 17.85 -7.41
N ALA A 120 -9.08 19.13 -7.68
CA ALA A 120 -8.05 20.14 -7.63
C ALA A 120 -8.01 20.62 -6.19
N ILE A 121 -6.95 20.22 -5.47
CA ILE A 121 -6.83 20.49 -4.05
C ILE A 121 -6.50 21.98 -3.84
N THR A 122 -7.36 22.67 -3.09
CA THR A 122 -7.26 24.12 -2.88
C THR A 122 -7.02 24.50 -1.41
N GLU A 123 -7.17 23.53 -0.50
CA GLU A 123 -6.84 23.71 0.92
C GLU A 123 -6.46 22.36 1.51
N SER A 124 -5.51 22.33 2.43
CA SER A 124 -5.08 21.07 3.07
C SER A 124 -4.43 21.29 4.42
N ASP A 125 -4.45 20.26 5.23
CA ASP A 125 -3.82 20.29 6.54
C ASP A 125 -3.25 18.90 6.80
N LYS A 126 -1.93 18.86 7.04
CA LYS A 126 -1.19 17.63 7.37
C LYS A 126 -1.41 16.53 6.34
N PHE A 127 -1.40 16.92 5.07
CA PHE A 127 -1.61 16.01 3.97
C PHE A 127 -0.30 15.89 3.19
N PHE A 128 0.13 16.98 2.57
CA PHE A 128 1.40 16.99 1.85
C PHE A 128 2.57 16.83 2.84
N ILE A 129 3.63 16.17 2.39
CA ILE A 129 4.78 15.88 3.23
C ILE A 129 5.87 16.89 2.92
N ASN A 130 6.31 17.63 3.94
CA ASN A 130 7.41 18.59 3.73
C ASN A 130 8.69 17.87 3.34
N GLY A 131 9.13 18.07 2.11
CA GLY A 131 10.36 17.47 1.60
C GLY A 131 10.12 16.33 0.61
N SER A 132 8.87 15.89 0.48
CA SER A 132 8.51 14.85 -0.48
C SER A 132 8.54 15.39 -1.89
N ASN A 133 8.53 14.47 -2.85
CA ASN A 133 8.54 14.82 -4.26
C ASN A 133 7.25 14.44 -4.99
N TRP A 134 6.13 14.35 -4.27
CA TRP A 134 4.84 14.14 -4.93
C TRP A 134 3.86 15.25 -4.60
N GLU A 135 2.92 15.47 -5.53
CA GLU A 135 1.99 16.60 -5.49
C GLU A 135 0.54 16.18 -5.55
N GLY A 136 0.28 14.88 -5.58
CA GLY A 136 -1.08 14.40 -5.66
C GLY A 136 -1.16 12.92 -5.33
N ILE A 137 -2.38 12.40 -5.28
CA ILE A 137 -2.62 10.98 -4.96
C ILE A 137 -3.49 10.32 -6.03
N LEU A 138 -3.16 9.06 -6.35
CA LEU A 138 -3.94 8.29 -7.30
C LEU A 138 -4.63 7.18 -6.56
N GLY A 139 -5.91 7.37 -6.26
CA GLY A 139 -6.71 6.39 -5.56
C GLY A 139 -7.14 5.29 -6.53
N LEU A 140 -6.60 4.10 -6.33
CA LEU A 140 -6.81 2.96 -7.25
C LEU A 140 -7.89 1.99 -6.80
N ALA A 141 -8.49 2.25 -5.64
CA ALA A 141 -9.60 1.44 -5.16
C ALA A 141 -10.93 1.81 -5.83
N TYR A 142 -12.02 1.22 -5.37
CA TYR A 142 -13.29 1.26 -6.07
C TYR A 142 -14.21 2.44 -5.67
N ALA A 143 -15.23 2.64 -6.50
CA ALA A 143 -16.11 3.78 -6.43
C ALA A 143 -16.88 3.87 -5.11
N GLU A 144 -17.13 2.73 -4.47
CA GLU A 144 -17.88 2.72 -3.22
C GLU A 144 -17.30 3.66 -2.15
N ILE A 145 -15.98 3.86 -2.13
CA ILE A 145 -15.33 4.74 -1.16
C ILE A 145 -14.79 6.04 -1.78
N ALA A 146 -15.21 6.35 -3.00
CA ALA A 146 -14.92 7.64 -3.63
C ALA A 146 -15.66 8.75 -2.89
N ARG A 147 -15.03 9.92 -2.78
CA ARG A 147 -15.70 11.10 -2.23
C ARG A 147 -16.02 12.05 -3.39
N PRO A 148 -17.19 12.72 -3.36
CA PRO A 148 -18.18 12.73 -2.29
C PRO A 148 -19.05 11.49 -2.21
N ASP A 149 -19.16 10.76 -3.32
CA ASP A 149 -19.97 9.54 -3.36
C ASP A 149 -19.55 8.67 -4.53
N ASP A 150 -20.19 7.51 -4.66
CA ASP A 150 -19.79 6.51 -5.66
C ASP A 150 -20.14 6.88 -7.09
N SER A 151 -20.77 8.02 -7.31
CA SER A 151 -20.96 8.51 -8.68
C SER A 151 -19.71 9.15 -9.26
N LEU A 152 -18.71 9.48 -8.45
CA LEU A 152 -17.46 10.04 -8.98
C LEU A 152 -16.53 8.91 -9.41
N GLU A 153 -16.50 8.65 -10.71
CA GLU A 153 -15.78 7.52 -11.28
C GLU A 153 -14.30 7.60 -10.99
N PRO A 154 -13.74 6.57 -10.32
CA PRO A 154 -12.28 6.54 -10.12
C PRO A 154 -11.48 6.48 -11.42
N PHE A 155 -10.22 6.91 -11.35
CA PHE A 155 -9.33 6.94 -12.50
C PHE A 155 -9.26 5.61 -13.25
N PHE A 156 -9.04 4.54 -12.52
CA PHE A 156 -8.80 3.25 -13.18
C PHE A 156 -10.05 2.77 -13.90
N ASP A 157 -11.22 3.05 -13.33
CA ASP A 157 -12.50 2.73 -13.99
C ASP A 157 -12.63 3.50 -15.30
N SER A 158 -12.26 4.78 -15.31
CA SER A 158 -12.25 5.57 -16.55
C SER A 158 -11.28 5.03 -17.59
N LEU A 159 -10.08 4.67 -17.13
CA LEU A 159 -9.04 4.14 -17.99
C LEU A 159 -9.54 2.90 -18.74
N VAL A 160 -10.15 1.99 -17.99
CA VAL A 160 -10.64 0.73 -18.56
C VAL A 160 -11.85 0.98 -19.47
N LYS A 161 -12.78 1.83 -19.04
CA LYS A 161 -13.96 2.14 -19.84
C LYS A 161 -13.62 2.77 -21.20
N GLN A 162 -12.60 3.64 -21.22
CA GLN A 162 -12.32 4.48 -22.37
C GLN A 162 -11.26 3.93 -23.33
N THR A 163 -10.59 2.85 -22.93
CA THR A 163 -9.50 2.28 -23.71
C THR A 163 -9.61 0.75 -23.76
N HIS A 164 -8.61 0.10 -24.36
CA HIS A 164 -8.54 -1.36 -24.35
C HIS A 164 -7.57 -1.91 -23.34
N VAL A 165 -7.15 -1.10 -22.36
CA VAL A 165 -6.25 -1.58 -21.31
C VAL A 165 -6.98 -2.64 -20.47
N PRO A 166 -6.36 -3.82 -20.26
CA PRO A 166 -7.04 -4.84 -19.46
C PRO A 166 -7.34 -4.38 -18.02
N ASN A 167 -8.42 -4.87 -17.43
CA ASN A 167 -8.85 -4.45 -16.10
C ASN A 167 -8.03 -5.14 -15.01
N LEU A 168 -6.76 -4.79 -14.96
CA LEU A 168 -5.88 -5.18 -13.88
C LEU A 168 -4.61 -4.36 -13.88
N PHE A 169 -3.97 -4.32 -12.72
CA PHE A 169 -2.68 -3.69 -12.57
C PHE A 169 -1.91 -4.45 -11.51
N SER A 170 -0.60 -4.31 -11.53
CA SER A 170 0.22 -4.95 -10.53
C SER A 170 1.31 -4.05 -10.03
N LEU A 171 1.71 -4.30 -8.78
CA LEU A 171 2.66 -3.47 -8.08
C LEU A 171 3.80 -4.29 -7.46
N GLN A 172 5.02 -3.85 -7.77
CA GLN A 172 6.23 -4.32 -7.13
C GLN A 172 6.81 -3.12 -6.41
N LEU A 173 6.63 -3.07 -5.09
CA LEU A 173 7.21 -2.00 -4.28
C LEU A 173 8.53 -2.52 -3.72
N CYS A 174 9.62 -1.82 -4.03
CA CYS A 174 10.96 -2.24 -3.62
C CYS A 174 11.47 -1.28 -2.54
N GLY A 175 11.62 -1.79 -1.33
CA GLY A 175 12.13 -0.99 -0.21
C GLY A 175 13.61 -0.63 -0.40
N ALA A 176 14.12 0.21 0.49
CA ALA A 176 15.49 0.73 0.37
C ALA A 176 16.51 -0.34 0.71
N VAL A 185 20.14 11.76 2.50
CA VAL A 185 19.77 11.59 3.91
C VAL A 185 18.65 10.55 4.09
N LEU A 186 17.64 10.57 3.22
CA LEU A 186 16.62 9.51 3.18
C LEU A 186 16.90 8.59 1.99
N ALA A 187 16.83 7.29 2.22
CA ALA A 187 17.07 6.31 1.17
C ALA A 187 15.96 6.36 0.12
N SER A 188 16.35 6.28 -1.15
CA SER A 188 15.41 6.24 -2.25
C SER A 188 14.80 4.85 -2.42
N VAL A 189 13.48 4.78 -2.57
CA VAL A 189 12.79 3.53 -2.88
C VAL A 189 12.38 3.55 -4.34
N GLY A 190 12.00 2.39 -4.86
CA GLY A 190 11.59 2.30 -6.25
C GLY A 190 10.63 1.15 -6.46
N GLY A 191 10.31 0.86 -7.70
CA GLY A 191 9.40 -0.22 -8.00
C GLY A 191 8.74 -0.04 -9.34
N SER A 192 7.73 -0.87 -9.59
CA SER A 192 7.02 -0.90 -10.84
C SER A 192 5.53 -0.97 -10.61
N MET A 193 4.79 -0.17 -11.36
CA MET A 193 3.35 -0.33 -11.52
C MET A 193 3.08 -0.74 -12.95
N ILE A 194 2.70 -1.99 -13.14
CA ILE A 194 2.38 -2.51 -14.46
C ILE A 194 0.88 -2.38 -14.66
N ILE A 195 0.50 -1.49 -15.57
CA ILE A 195 -0.90 -1.14 -15.81
C ILE A 195 -1.41 -2.01 -16.94
N GLY A 196 -2.45 -2.79 -16.68
CA GLY A 196 -3.04 -3.65 -17.70
C GLY A 196 -2.37 -5.00 -17.84
N GLY A 197 -1.45 -5.34 -16.94
CA GLY A 197 -0.79 -6.63 -17.04
C GLY A 197 0.13 -7.01 -15.90
N ILE A 198 0.88 -8.09 -16.17
CA ILE A 198 1.82 -8.70 -15.25
C ILE A 198 3.16 -8.87 -15.98
N ASP A 199 4.25 -8.59 -15.30
CA ASP A 199 5.58 -8.77 -15.89
C ASP A 199 6.30 -9.85 -15.10
N HIS A 200 6.53 -10.99 -15.74
CA HIS A 200 7.06 -12.14 -15.00
C HIS A 200 8.48 -11.95 -14.49
N SER A 201 9.18 -10.94 -14.97
CA SER A 201 10.51 -10.60 -14.46
C SER A 201 10.48 -10.02 -13.05
N LEU A 202 9.31 -9.60 -12.58
CA LEU A 202 9.20 -8.96 -11.28
C LEU A 202 9.00 -9.93 -10.13
N TYR A 203 8.81 -11.21 -10.44
CA TYR A 203 8.60 -12.21 -9.39
C TYR A 203 9.18 -13.58 -9.72
N THR A 204 9.35 -14.37 -8.67
CA THR A 204 9.79 -15.76 -8.78
C THR A 204 8.71 -16.67 -8.21
N GLY A 205 8.75 -17.93 -8.62
CA GLY A 205 7.75 -18.90 -8.22
C GLY A 205 6.40 -18.60 -8.85
N SER A 206 5.34 -19.09 -8.21
CA SER A 206 3.98 -18.94 -8.73
C SER A 206 3.25 -17.82 -8.00
N LEU A 207 2.35 -17.16 -8.73
CA LEU A 207 1.31 -16.34 -8.11
C LEU A 207 0.27 -17.22 -7.40
N TRP A 208 -0.14 -16.76 -6.22
CA TRP A 208 -1.26 -17.34 -5.48
C TRP A 208 -2.29 -16.28 -5.27
N TYR A 209 -3.56 -16.62 -5.50
CA TYR A 209 -4.63 -15.64 -5.49
C TYR A 209 -5.61 -15.79 -4.32
N THR A 210 -6.01 -14.66 -3.76
CA THR A 210 -7.03 -14.58 -2.73
C THR A 210 -8.21 -13.72 -3.27
N PRO A 211 -9.45 -14.08 -2.94
CA PRO A 211 -10.57 -13.31 -3.50
C PRO A 211 -10.63 -11.90 -2.96
N ILE A 212 -11.04 -10.95 -3.81
CA ILE A 212 -11.44 -9.63 -3.34
C ILE A 212 -12.85 -9.84 -2.78
N ARG A 213 -12.99 -9.70 -1.47
CA ARG A 213 -14.25 -10.03 -0.82
C ARG A 213 -15.39 -9.14 -1.29
N ARG A 214 -15.07 -7.86 -1.44
CA ARG A 214 -16.03 -6.87 -1.88
C ARG A 214 -15.24 -5.71 -2.45
N GLU A 215 -15.77 -5.13 -3.53
CA GLU A 215 -15.10 -4.12 -4.29
C GLU A 215 -15.39 -2.76 -3.68
N TRP A 216 -14.59 -2.37 -2.69
CA TRP A 216 -14.65 -1.04 -2.11
C TRP A 216 -13.22 -0.65 -1.86
N TYR A 217 -12.67 -0.97 -0.70
CA TYR A 217 -11.24 -1.20 -0.55
C TYR A 217 -10.91 -2.51 -1.27
N TYR A 218 -9.63 -2.83 -1.39
CA TYR A 218 -9.19 -4.16 -1.84
C TYR A 218 -9.23 -5.05 -0.61
N GLU A 219 -10.42 -5.55 -0.32
CA GLU A 219 -10.69 -6.26 0.91
C GLU A 219 -10.37 -7.73 0.70
N VAL A 220 -9.63 -8.29 1.64
CA VAL A 220 -9.26 -9.71 1.64
C VAL A 220 -9.59 -10.33 3.01
N ILE A 221 -9.50 -11.65 3.10
CA ILE A 221 -9.74 -12.37 4.33
C ILE A 221 -8.51 -13.17 4.74
N ILE A 222 -7.97 -12.85 5.91
CA ILE A 222 -6.89 -13.60 6.57
C ILE A 222 -7.48 -14.73 7.41
N VAL A 223 -6.96 -15.94 7.22
CA VAL A 223 -7.59 -17.14 7.82
C VAL A 223 -6.75 -17.76 8.91
N ARG A 224 -5.47 -17.40 8.98
CA ARG A 224 -4.55 -17.93 9.97
C ARG A 224 -3.33 -17.03 10.05
N VAL A 225 -2.82 -16.88 11.28
CA VAL A 225 -1.60 -16.10 11.50
C VAL A 225 -0.63 -16.93 12.34
N GLU A 226 0.62 -16.98 11.88
CA GLU A 226 1.72 -17.62 12.61
C GLU A 226 2.87 -16.64 12.84
N ILE A 227 3.49 -16.76 14.01
CA ILE A 227 4.78 -16.10 14.29
C ILE A 227 5.81 -17.20 14.42
N ASN A 228 6.79 -17.22 13.53
CA ASN A 228 7.77 -18.29 13.48
C ASN A 228 7.12 -19.67 13.49
N GLY A 229 6.06 -19.84 12.69
CA GLY A 229 5.38 -21.13 12.59
C GLY A 229 4.31 -21.36 13.65
N GLN A 230 4.26 -20.51 14.67
CA GLN A 230 3.34 -20.72 15.78
C GLN A 230 2.05 -19.93 15.60
N ASP A 231 0.98 -20.69 15.44
CA ASP A 231 -0.36 -20.17 15.30
C ASP A 231 -0.69 -19.31 16.51
N LEU A 232 -1.25 -18.13 16.27
CA LEU A 232 -1.76 -17.29 17.35
C LEU A 232 -3.04 -17.88 17.96
N LYS A 233 -3.75 -18.68 17.18
CA LYS A 233 -4.92 -19.45 17.63
C LYS A 233 -6.11 -18.59 18.05
N MET A 234 -6.26 -17.42 17.43
CA MET A 234 -7.41 -16.58 17.69
C MET A 234 -8.55 -17.02 16.80
N ASP A 235 -9.78 -16.74 17.22
CA ASP A 235 -10.91 -16.81 16.33
C ASP A 235 -10.53 -15.95 15.12
N CYS A 236 -10.48 -16.56 13.93
CA CYS A 236 -9.99 -15.84 12.75
C CYS A 236 -10.80 -14.60 12.39
N LYS A 237 -12.04 -14.51 12.87
CA LYS A 237 -12.85 -13.29 12.69
C LYS A 237 -12.12 -12.06 13.20
N GLU A 238 -11.36 -12.25 14.28
CA GLU A 238 -10.57 -11.18 14.92
C GLU A 238 -9.51 -10.63 13.95
N TYR A 239 -9.00 -11.47 13.05
CA TYR A 239 -7.98 -11.02 12.07
C TYR A 239 -8.53 -10.05 11.05
N ASN A 240 -9.85 -10.02 10.89
CA ASN A 240 -10.50 -9.23 9.88
C ASN A 240 -11.61 -8.32 10.46
N TYR A 241 -11.44 -7.89 11.71
CA TYR A 241 -12.47 -7.09 12.36
C TYR A 241 -12.03 -5.62 12.26
N ASP A 242 -12.75 -4.75 11.55
CA ASP A 242 -13.96 -5.02 10.80
C ASP A 242 -13.66 -5.38 9.34
N LYS A 243 -12.39 -5.35 8.95
CA LYS A 243 -11.94 -5.66 7.57
C LYS A 243 -10.42 -5.85 7.49
N SER A 244 -9.95 -6.44 6.39
CA SER A 244 -8.53 -6.49 6.09
C SER A 244 -8.39 -5.98 4.64
N ILE A 245 -7.45 -5.09 4.41
CA ILE A 245 -7.26 -4.48 3.09
C ILE A 245 -5.79 -4.52 2.68
N VAL A 246 -5.53 -4.40 1.38
CA VAL A 246 -4.19 -4.29 0.83
C VAL A 246 -4.03 -2.83 0.43
N ASP A 247 -3.05 -2.14 1.00
CA ASP A 247 -2.99 -0.66 0.90
C ASP A 247 -1.56 -0.16 0.68
N SER A 248 -1.26 0.20 -0.56
CA SER A 248 0.05 0.73 -0.92
C SER A 248 0.31 2.12 -0.35
N GLY A 249 -0.73 2.77 0.19
CA GLY A 249 -0.61 4.11 0.80
C GLY A 249 -0.49 4.13 2.31
N THR A 250 -0.23 2.97 2.90
CA THR A 250 0.07 2.85 4.33
C THR A 250 1.41 2.15 4.47
N THR A 251 2.26 2.68 5.34
CA THR A 251 3.57 2.12 5.55
C THR A 251 3.45 0.81 6.36
N ASN A 252 2.71 0.85 7.45
CA ASN A 252 2.70 -0.25 8.43
C ASN A 252 1.86 -1.46 8.02
N LEU A 253 2.14 -2.57 8.70
CA LEU A 253 1.16 -3.62 8.90
C LEU A 253 0.34 -3.21 10.10
N ARG A 254 -0.90 -2.80 9.89
CA ARG A 254 -1.77 -2.46 10.99
C ARG A 254 -2.63 -3.68 11.33
N LEU A 255 -2.82 -3.96 12.63
CA LEU A 255 -3.60 -5.11 13.09
C LEU A 255 -4.71 -4.66 14.05
N PRO A 256 -5.88 -5.35 14.03
CA PRO A 256 -6.87 -5.02 15.05
C PRO A 256 -6.26 -5.13 16.44
N LYS A 257 -6.72 -4.28 17.36
CA LYS A 257 -6.12 -4.19 18.69
C LYS A 257 -5.91 -5.58 19.30
N LYS A 258 -6.98 -6.36 19.40
CA LYS A 258 -6.87 -7.66 20.08
C LYS A 258 -5.81 -8.53 19.42
N VAL A 259 -5.75 -8.47 18.09
CA VAL A 259 -4.78 -9.24 17.33
C VAL A 259 -3.37 -8.70 17.50
N PHE A 260 -3.23 -7.38 17.50
CA PHE A 260 -1.93 -6.76 17.78
C PHE A 260 -1.41 -7.17 19.16
N GLU A 261 -2.29 -7.15 20.16
CA GLU A 261 -1.89 -7.51 21.53
C GLU A 261 -1.32 -8.91 21.57
N ALA A 262 -2.01 -9.87 20.94
CA ALA A 262 -1.53 -11.25 20.90
C ALA A 262 -0.26 -11.39 20.05
N ALA A 263 -0.17 -10.61 18.97
CA ALA A 263 0.94 -10.68 18.02
C ALA A 263 2.24 -10.16 18.65
N VAL A 264 2.14 -9.02 19.33
CA VAL A 264 3.26 -8.48 20.11
C VAL A 264 3.70 -9.46 21.21
N LYS A 265 2.73 -10.02 21.93
CA LYS A 265 3.06 -10.96 23.00
C LYS A 265 3.93 -12.10 22.45
N SER A 266 3.54 -12.65 21.30
CA SER A 266 4.32 -13.71 20.66
C SER A 266 5.66 -13.25 20.09
N ILE A 267 5.71 -12.04 19.52
CA ILE A 267 6.96 -11.52 18.96
C ILE A 267 7.98 -11.19 20.07
N LYS A 268 7.49 -10.59 21.16
CA LYS A 268 8.31 -10.36 22.36
C LYS A 268 8.95 -11.64 22.86
N ALA A 269 8.15 -12.69 22.99
CA ALA A 269 8.64 -13.99 23.46
C ALA A 269 9.70 -14.56 22.50
N ALA A 270 9.44 -14.48 21.20
CA ALA A 270 10.35 -15.01 20.20
C ALA A 270 11.69 -14.26 20.17
N SER A 271 11.69 -13.02 20.67
CA SER A 271 12.86 -12.16 20.60
C SER A 271 13.38 -11.82 22.00
N SER A 272 13.04 -12.67 22.96
CA SER A 272 13.29 -12.38 24.38
C SER A 272 14.77 -12.43 24.79
N THR A 273 15.64 -12.95 23.92
CA THR A 273 17.10 -12.91 24.19
C THR A 273 17.65 -11.47 24.23
N GLU A 274 16.85 -10.50 23.78
CA GLU A 274 17.09 -9.09 24.06
C GLU A 274 15.80 -8.44 24.53
N LYS A 275 15.92 -7.44 25.40
CA LYS A 275 14.75 -6.72 25.92
C LYS A 275 14.68 -5.31 25.34
N PHE A 276 13.45 -4.85 25.10
CA PHE A 276 13.21 -3.50 24.62
C PHE A 276 12.08 -2.87 25.42
N PRO A 277 12.09 -1.54 25.57
CA PRO A 277 11.04 -0.87 26.34
C PRO A 277 9.65 -1.02 25.72
N ASP A 278 8.63 -0.92 26.57
CA ASP A 278 7.23 -0.99 26.15
C ASP A 278 6.91 -0.04 24.99
N GLY A 279 7.47 1.18 25.04
CA GLY A 279 7.25 2.19 24.01
C GLY A 279 7.71 1.78 22.62
N PHE A 280 8.77 0.97 22.54
CA PHE A 280 9.23 0.49 21.25
C PHE A 280 8.11 -0.32 20.57
N TRP A 281 7.53 -1.26 21.30
CA TRP A 281 6.44 -2.09 20.76
C TRP A 281 5.21 -1.29 20.40
N LEU A 282 5.00 -0.17 21.10
CA LEU A 282 3.85 0.67 20.83
C LEU A 282 4.14 1.73 19.74
N GLY A 283 5.36 1.75 19.22
CA GLY A 283 5.74 2.72 18.18
C GLY A 283 5.89 4.14 18.72
N GLU A 284 6.22 4.24 20.02
CA GLU A 284 6.34 5.52 20.73
C GLU A 284 7.81 5.93 20.88
N GLN A 285 8.70 5.00 20.61
CA GLN A 285 10.13 5.31 20.57
C GLN A 285 10.82 4.35 19.60
N LEU A 286 11.98 4.76 19.10
CA LEU A 286 12.80 3.93 18.24
C LEU A 286 13.69 3.06 19.09
N VAL A 287 14.30 2.06 18.45
CA VAL A 287 15.41 1.30 19.02
C VAL A 287 16.58 1.37 18.06
N CYS A 288 17.78 1.54 18.59
CA CYS A 288 18.96 1.68 17.76
C CYS A 288 20.00 0.62 18.10
N TRP A 289 20.82 0.27 17.10
CA TRP A 289 21.99 -0.59 17.29
C TRP A 289 23.15 -0.02 16.55
N GLN A 290 24.36 -0.34 17.00
CA GLN A 290 25.60 0.08 16.32
C GLN A 290 25.57 -0.33 14.84
N ALA A 291 26.14 0.53 13.99
CA ALA A 291 26.16 0.30 12.55
C ALA A 291 26.56 -1.13 12.17
N GLY A 292 25.60 -1.87 11.62
CA GLY A 292 25.85 -3.23 11.13
C GLY A 292 25.66 -4.35 12.16
N THR A 293 25.12 -4.01 13.33
CA THR A 293 24.94 -4.98 14.42
C THR A 293 23.46 -5.30 14.74
N THR A 294 22.54 -5.00 13.83
CA THR A 294 21.12 -5.31 14.06
C THR A 294 20.93 -6.82 14.17
N PRO A 295 20.28 -7.28 15.25
CA PRO A 295 20.04 -8.71 15.42
C PRO A 295 18.77 -9.18 14.70
N TRP A 296 18.85 -9.30 13.37
CA TRP A 296 17.70 -9.73 12.56
C TRP A 296 17.14 -11.04 13.06
N ASN A 297 18.02 -11.98 13.36
CA ASN A 297 17.64 -13.36 13.67
C ASN A 297 16.88 -13.56 14.99
N ILE A 298 17.01 -12.66 15.97
CA ILE A 298 16.18 -12.78 17.18
C ILE A 298 14.72 -12.39 16.91
N PHE A 299 14.46 -11.74 15.77
CA PHE A 299 13.09 -11.38 15.40
C PHE A 299 12.46 -12.47 14.51
N PRO A 300 11.19 -12.80 14.79
CA PRO A 300 10.52 -13.88 14.09
C PRO A 300 9.96 -13.44 12.74
N VAL A 301 9.73 -14.42 11.86
CA VAL A 301 8.95 -14.19 10.65
C VAL A 301 7.47 -14.18 11.01
N ILE A 302 6.69 -13.54 10.14
CA ILE A 302 5.26 -13.45 10.32
C ILE A 302 4.63 -13.99 9.05
N SER A 303 3.67 -14.90 9.22
CA SER A 303 2.98 -15.53 8.11
C SER A 303 1.51 -15.25 8.23
N LEU A 304 0.95 -14.78 7.11
CA LEU A 304 -0.46 -14.58 6.99
C LEU A 304 -0.96 -15.62 5.99
N TYR A 305 -1.91 -16.44 6.42
CA TYR A 305 -2.59 -17.34 5.50
C TYR A 305 -3.77 -16.57 4.98
N LEU A 306 -3.93 -16.59 3.66
CA LEU A 306 -5.03 -15.92 2.99
C LEU A 306 -5.99 -16.94 2.42
N MET A 307 -7.27 -16.60 2.43
CA MET A 307 -8.28 -17.42 1.76
C MET A 307 -7.86 -17.68 0.32
N GLY A 308 -7.96 -18.94 -0.10
CA GLY A 308 -7.61 -19.28 -1.47
C GLY A 308 -8.78 -19.21 -2.43
N GLU A 309 -8.56 -19.71 -3.63
CA GLU A 309 -9.56 -19.63 -4.69
C GLU A 309 -10.57 -20.76 -4.58
N VAL A 310 -10.17 -21.84 -3.92
CA VAL A 310 -10.93 -23.07 -3.86
C VAL A 310 -11.42 -23.29 -2.44
N THR A 311 -12.62 -23.84 -2.32
CA THR A 311 -13.18 -24.17 -1.00
C THR A 311 -12.18 -24.95 -0.17
N ASN A 312 -12.02 -24.53 1.09
CA ASN A 312 -11.14 -25.19 2.07
C ASN A 312 -9.64 -25.12 1.74
N GLN A 313 -9.27 -24.26 0.80
CA GLN A 313 -7.89 -24.12 0.35
C GLN A 313 -7.37 -22.71 0.64
N SER A 314 -6.19 -22.65 1.24
CA SER A 314 -5.53 -21.40 1.57
C SER A 314 -4.10 -21.41 1.06
N PHE A 315 -3.44 -20.29 1.22
CA PHE A 315 -2.01 -20.19 0.96
C PHE A 315 -1.45 -19.22 1.97
N ARG A 316 -0.13 -19.20 2.11
CA ARG A 316 0.47 -18.35 3.11
C ARG A 316 1.55 -17.48 2.50
N ILE A 317 1.59 -16.23 2.98
CA ILE A 317 2.67 -15.33 2.65
C ILE A 317 3.45 -15.09 3.95
N THR A 318 4.77 -14.98 3.82
CA THR A 318 5.67 -14.84 4.97
C THR A 318 6.61 -13.65 4.81
N ILE A 319 6.68 -12.77 5.80
CA ILE A 319 7.59 -11.62 5.75
C ILE A 319 8.62 -11.67 6.88
N LEU A 320 9.70 -10.93 6.67
CA LEU A 320 10.84 -10.91 7.57
C LEU A 320 10.86 -9.66 8.43
N PRO A 321 11.70 -9.63 9.49
CA PRO A 321 11.88 -8.39 10.23
C PRO A 321 12.42 -7.24 9.37
N GLN A 322 13.15 -7.56 8.30
CA GLN A 322 13.56 -6.55 7.34
C GLN A 322 12.37 -5.73 6.85
N GLN A 323 11.18 -6.35 6.81
CA GLN A 323 9.97 -5.64 6.42
C GLN A 323 9.33 -4.85 7.54
N TYR A 324 9.24 -5.42 8.75
CA TYR A 324 8.46 -4.75 9.80
C TYR A 324 9.29 -3.95 10.81
N LEU A 325 10.60 -4.10 10.73
CA LEU A 325 11.55 -3.28 11.50
C LEU A 325 12.23 -2.35 10.52
N ARG A 326 11.83 -1.09 10.50
CA ARG A 326 12.19 -0.20 9.39
C ARG A 326 13.19 0.86 9.83
N PRO A 327 14.29 1.02 9.06
CA PRO A 327 15.26 2.09 9.31
C PRO A 327 14.62 3.47 9.32
N VAL A 328 14.98 4.29 10.30
CA VAL A 328 14.63 5.69 10.29
C VAL A 328 15.95 6.45 10.07
N GLU A 329 16.03 7.18 8.96
CA GLU A 329 17.30 7.77 8.51
C GLU A 329 17.34 9.31 8.60
N ASP A 330 16.50 9.88 9.47
CA ASP A 330 16.51 11.32 9.73
C ASP A 330 16.58 11.60 11.24
N VAL A 331 17.20 10.69 11.99
CA VAL A 331 17.39 10.86 13.42
C VAL A 331 18.73 11.59 13.65
N ALA A 332 18.67 12.93 13.62
CA ALA A 332 19.88 13.76 13.75
C ALA A 332 20.56 13.64 15.11
N THR A 333 19.80 13.26 16.14
CA THR A 333 20.31 13.19 17.51
C THR A 333 20.98 11.84 17.85
N SER A 334 21.13 10.95 16.85
CA SER A 334 21.81 9.67 17.04
C SER A 334 22.76 9.39 15.87
N GLN A 335 23.82 8.62 16.15
CA GLN A 335 24.79 8.21 15.13
C GLN A 335 24.63 6.76 14.71
N ASP A 336 23.80 6.00 15.43
CA ASP A 336 23.64 4.56 15.19
C ASP A 336 22.53 4.29 14.18
N ASP A 337 22.31 2.99 13.89
CA ASP A 337 21.20 2.55 13.04
C ASP A 337 19.94 2.40 13.89
N CYS A 338 18.97 3.29 13.68
CA CYS A 338 17.73 3.30 14.46
C CYS A 338 16.53 2.79 13.63
N TYR A 339 15.66 2.04 14.28
CA TYR A 339 14.55 1.38 13.62
C TYR A 339 13.21 1.65 14.30
N LYS A 340 12.15 1.67 13.50
CA LYS A 340 10.78 1.79 13.98
C LYS A 340 10.10 0.42 13.88
N PHE A 341 9.42 0.01 14.95
CA PHE A 341 8.52 -1.14 14.88
C PHE A 341 7.28 -0.72 14.10
N ALA A 342 7.09 -1.33 12.94
CA ALA A 342 6.09 -0.87 11.98
C ALA A 342 4.89 -1.83 11.89
N ILE A 343 4.62 -2.54 12.98
CA ILE A 343 3.34 -3.21 13.17
C ILE A 343 2.63 -2.42 14.22
N SER A 344 1.35 -2.13 14.01
CA SER A 344 0.66 -1.21 14.89
C SER A 344 -0.80 -1.57 15.02
N GLN A 345 -1.39 -1.07 16.09
CA GLN A 345 -2.77 -1.41 16.40
C GLN A 345 -3.71 -0.53 15.59
N SER A 346 -4.86 -1.09 15.20
CA SER A 346 -5.80 -0.41 14.34
C SER A 346 -7.19 -0.51 14.90
N SER A 347 -8.00 0.50 14.62
CA SER A 347 -9.44 0.43 14.89
C SER A 347 -10.23 0.34 13.60
N THR A 348 -9.53 0.20 12.46
CA THR A 348 -10.17 0.13 11.16
C THR A 348 -9.92 -1.21 10.47
N GLY A 349 -9.36 -2.17 11.21
CA GLY A 349 -9.08 -3.49 10.66
C GLY A 349 -7.61 -3.67 10.29
N THR A 350 -7.31 -4.79 9.66
CA THR A 350 -5.96 -5.08 9.25
C THR A 350 -5.64 -4.26 8.00
N VAL A 351 -4.46 -3.68 7.97
CA VAL A 351 -4.02 -2.96 6.77
C VAL A 351 -2.71 -3.58 6.39
N MET A 352 -2.71 -4.24 5.24
CA MET A 352 -1.48 -4.78 4.67
C MET A 352 -0.79 -3.68 3.85
N GLY A 353 0.03 -2.90 4.53
CA GLY A 353 0.71 -1.75 3.90
C GLY A 353 2.01 -2.17 3.26
N ALA A 354 2.91 -1.19 3.11
CA ALA A 354 4.21 -1.39 2.52
C ALA A 354 5.03 -2.51 3.22
N VAL A 355 4.82 -2.68 4.52
CA VAL A 355 5.48 -3.75 5.28
C VAL A 355 5.19 -5.13 4.66
N ILE A 356 3.95 -5.36 4.26
CA ILE A 356 3.61 -6.56 3.50
C ILE A 356 4.03 -6.47 2.03
N MET A 357 3.61 -5.41 1.34
CA MET A 357 3.78 -5.35 -0.12
C MET A 357 5.23 -5.36 -0.58
N GLU A 358 6.15 -4.83 0.22
CA GLU A 358 7.55 -4.82 -0.18
C GLU A 358 8.17 -6.22 -0.26
N GLY A 359 7.50 -7.23 0.29
CA GLY A 359 7.94 -8.62 0.13
C GLY A 359 7.50 -9.29 -1.15
N PHE A 360 6.47 -8.74 -1.80
CA PHE A 360 5.78 -9.47 -2.85
C PHE A 360 5.48 -8.64 -4.07
N TYR A 361 5.29 -9.35 -5.17
CA TYR A 361 4.68 -8.79 -6.37
C TYR A 361 3.18 -9.01 -6.19
N VAL A 362 2.40 -7.93 -6.28
CA VAL A 362 0.98 -7.98 -5.96
C VAL A 362 0.19 -7.63 -7.19
N VAL A 363 -0.69 -8.54 -7.58
CA VAL A 363 -1.50 -8.39 -8.77
C VAL A 363 -2.93 -8.08 -8.37
N PHE A 364 -3.39 -6.90 -8.76
CA PHE A 364 -4.75 -6.45 -8.49
C PHE A 364 -5.60 -6.85 -9.68
N ASP A 365 -6.04 -8.10 -9.67
CA ASP A 365 -6.74 -8.68 -10.80
C ASP A 365 -8.22 -8.34 -10.66
N ARG A 366 -8.57 -7.11 -11.03
CA ARG A 366 -9.92 -6.62 -10.88
C ARG A 366 -10.92 -7.40 -11.75
N ALA A 367 -10.47 -7.78 -12.95
CA ALA A 367 -11.29 -8.54 -13.89
C ALA A 367 -11.84 -9.80 -13.24
N ARG A 368 -11.04 -10.47 -12.43
CA ARG A 368 -11.49 -11.72 -11.79
C ARG A 368 -11.69 -11.61 -10.28
N LYS A 369 -11.80 -10.37 -9.79
CA LYS A 369 -12.06 -10.11 -8.37
C LYS A 369 -11.14 -10.90 -7.46
N ARG A 370 -9.84 -10.76 -7.69
CA ARG A 370 -8.87 -11.48 -6.88
C ARG A 370 -7.56 -10.74 -6.87
N ILE A 371 -6.76 -11.02 -5.85
CA ILE A 371 -5.44 -10.41 -5.70
C ILE A 371 -4.38 -11.52 -5.61
N GLY A 372 -3.38 -11.39 -6.47
CA GLY A 372 -2.31 -12.36 -6.55
C GLY A 372 -1.06 -11.92 -5.82
N PHE A 373 -0.43 -12.86 -5.14
CA PHE A 373 0.85 -12.64 -4.46
C PHE A 373 1.88 -13.62 -5.00
N ALA A 374 3.08 -13.11 -5.26
CA ALA A 374 4.26 -13.93 -5.55
C ALA A 374 5.46 -13.29 -4.90
N VAL A 375 6.50 -14.08 -4.63
CA VAL A 375 7.74 -13.55 -4.06
C VAL A 375 8.32 -12.51 -5.02
N SER A 376 8.60 -11.32 -4.50
CA SER A 376 9.10 -10.23 -5.32
C SER A 376 10.58 -10.46 -5.62
N ALA A 377 10.97 -10.27 -6.88
CA ALA A 377 12.38 -10.35 -7.27
C ALA A 377 13.26 -9.27 -6.63
N CYS A 378 12.65 -8.25 -6.05
CA CYS A 378 13.40 -7.15 -5.43
C CYS A 378 13.28 -7.07 -3.90
N HIS A 379 12.66 -8.06 -3.25
CA HIS A 379 12.47 -7.95 -1.80
C HIS A 379 13.78 -8.07 -1.05
N VAL A 380 13.84 -7.41 0.12
CA VAL A 380 15.04 -7.33 0.94
C VAL A 380 15.08 -8.47 1.94
N HIS A 381 16.16 -9.23 1.91
CA HIS A 381 16.32 -10.39 2.80
C HIS A 381 17.78 -10.61 3.15
N ASP A 382 18.06 -11.67 3.89
CA ASP A 382 19.43 -12.02 4.25
C ASP A 382 19.75 -13.45 3.80
N GLU A 383 20.93 -13.94 4.17
CA GLU A 383 21.41 -15.25 3.73
C GLU A 383 20.63 -16.45 4.33
N PHE A 384 19.92 -16.23 5.43
CA PHE A 384 19.26 -17.32 6.17
C PHE A 384 17.76 -17.47 5.89
N ARG A 385 17.03 -16.36 5.85
CA ARG A 385 15.58 -16.39 5.67
C ARG A 385 15.16 -15.56 4.46
N THR A 386 14.05 -15.93 3.83
CA THR A 386 13.53 -15.16 2.69
C THR A 386 11.99 -15.09 2.75
N ALA A 387 11.44 -14.06 2.10
CA ALA A 387 9.99 -13.96 1.96
C ALA A 387 9.48 -15.14 1.14
N ALA A 388 8.28 -15.60 1.43
CA ALA A 388 7.77 -16.81 0.81
C ALA A 388 6.28 -16.66 0.48
N VAL A 389 5.87 -17.32 -0.60
CA VAL A 389 4.45 -17.55 -0.90
C VAL A 389 4.27 -19.05 -1.18
N GLU A 390 3.47 -19.72 -0.36
CA GLU A 390 3.40 -21.19 -0.39
C GLU A 390 1.98 -21.69 -0.30
N GLY A 391 1.70 -22.79 -1.00
CA GLY A 391 0.41 -23.45 -0.93
C GLY A 391 0.45 -24.77 -1.66
N PRO A 392 -0.68 -25.51 -1.67
CA PRO A 392 -1.92 -25.16 -0.99
C PRO A 392 -1.92 -25.69 0.43
N PHE A 393 -2.68 -25.05 1.31
CA PHE A 393 -2.92 -25.58 2.64
C PHE A 393 -4.42 -25.87 2.79
N VAL A 394 -4.73 -26.77 3.72
CA VAL A 394 -6.10 -27.12 4.04
C VAL A 394 -6.52 -26.29 5.24
N THR A 395 -7.50 -25.42 5.02
CA THR A 395 -8.06 -24.60 6.08
C THR A 395 -9.58 -24.62 5.99
N LEU A 396 -10.21 -25.07 7.07
CA LEU A 396 -11.65 -25.19 7.11
C LEU A 396 -12.29 -23.92 7.69
N ASP A 397 -13.55 -23.72 7.34
CA ASP A 397 -14.41 -22.67 7.90
C ASP A 397 -13.87 -21.26 7.62
N MET A 398 -13.27 -21.08 6.45
CA MET A 398 -12.64 -19.80 6.09
C MET A 398 -13.68 -18.70 5.90
N GLU A 399 -14.89 -19.08 5.51
CA GLU A 399 -15.97 -18.11 5.35
C GLU A 399 -16.34 -17.48 6.69
N ASP A 400 -16.16 -18.22 7.77
CA ASP A 400 -16.40 -17.68 9.12
C ASP A 400 -15.41 -16.60 9.54
N CYS A 401 -14.30 -16.46 8.82
CA CYS A 401 -13.27 -15.50 9.19
C CYS A 401 -13.65 -14.07 8.80
N GLY A 402 -14.59 -13.92 7.87
CA GLY A 402 -15.04 -12.62 7.42
C GLY A 402 -15.98 -11.97 8.43
N TYR A 403 -15.82 -10.67 8.66
CA TYR A 403 -16.71 -9.93 9.56
C TYR A 403 -17.94 -9.43 8.82
N ASN A 404 -19.11 -9.60 9.44
CA ASN A 404 -20.37 -8.97 9.02
C ASN A 404 -20.94 -8.22 10.22
N ILE A 405 -21.70 -7.16 9.95
CA ILE A 405 -22.17 -6.25 11.00
C ILE A 405 -23.02 -6.97 12.05
I IOD B . -3.31 23.35 -0.47
I IOD C . -0.06 21.65 6.39
I IOD D . -11.34 -4.90 20.15
C1 GOL E . 4.11 27.58 -11.89
O1 GOL E . 5.27 28.39 -12.06
C2 GOL E . 4.53 26.15 -11.58
O2 GOL E . 5.19 26.12 -10.31
C3 GOL E . 3.31 25.24 -11.58
O3 GOL E . 3.64 23.98 -11.01
C1 GOL F . -19.57 19.59 1.97
O1 GOL F . -19.46 18.99 3.27
C2 GOL F . -18.25 19.42 1.24
O2 GOL F . -17.87 18.04 1.29
C3 GOL F . -18.41 19.87 -0.22
O3 GOL F . -18.69 21.28 -0.30
C13 P6J G . -7.82 6.57 3.26
O1 P6J G . -7.08 6.06 4.37
C12 P6J G . -6.47 7.10 5.16
C9 P6J G . -5.12 7.44 4.57
C8 P6J G . -5.12 8.56 3.55
C14 P6J G . -4.45 8.76 4.94
S1 P6J G . -3.98 6.05 4.31
C10 P6J G . -4.08 5.89 2.57
N2 P6J G . -4.02 4.70 2.01
N1 P6J G . -4.25 7.02 1.77
C1 P6J G . -4.25 8.41 2.30
C11 P6J G . -4.85 9.22 1.15
C2 P6J G . -2.81 8.90 2.53
C3 P6J G . -1.69 8.08 2.35
C7 P6J G . -2.58 10.23 2.89
F1 P6J G . -3.60 11.08 3.09
C6 P6J G . -1.29 10.70 3.08
F2 P6J G . -1.13 11.99 3.44
C5 P6J G . -0.19 9.88 2.90
C4 P6J G . -0.38 8.54 2.51
N3 P6J G . 0.64 7.65 2.38
C15 P6J G . 1.94 7.86 2.62
O2 P6J G . 2.48 8.95 2.88
C16 P6J G . 2.82 6.61 2.51
C19 P6J G . 4.10 6.58 3.03
N5 P6J G . 4.84 5.48 2.94
N4 P6J G . 2.33 5.50 1.92
C17 P6J G . 3.06 4.40 1.82
C18 P6J G . 4.35 4.38 2.34
O3 P6J G . 5.04 3.22 2.19
C20 P6J G . 6.42 3.20 2.62
C21 P6J G . 7.25 3.98 1.71
C22 P6J G . 7.89 4.59 0.97
#